data_6W7F
#
_entry.id   6W7F
#
_cell.length_a   57.694
_cell.length_b   85.354
_cell.length_c   92.199
_cell.angle_alpha   90.000
_cell.angle_beta   90.000
_cell.angle_gamma   90.000
#
_symmetry.space_group_name_H-M   'P 21 21 21'
#
loop_
_entity.id
_entity.type
_entity.pdbx_description
1 polymer 'Polycomb protein EED'
2 non-polymer 8-(6-cyclopropylpyridin-3-yl)-N-[(5-fluoro-2,3-dihydro-1-benzofuran-4-yl)methyl]-1-(methylsulfonyl)imidazo[1,5-c]pyrimidin-5-amine
3 non-polymer GLYCEROL
4 water water
#
_entity_poly.entity_id   1
_entity_poly.type   'polypeptide(L)'
_entity_poly.pdbx_seq_one_letter_code
;SNAKCKYSFKCVNSLKEDHNQPLFGVQFNWHSKEGDPLVFATVGSNRVTLYECHSQGEIRLLQSYVDADADENFYTCAWT
YDSNTSHPLLAVAGSRGIIRIINPITMQCIKHYVGHGNAINELKFHPRDPNLLLSVSKDHALRLWNIQTDTLVAIFGGVE
GHRDEVLSADYDLLGEKIMSCGMDHSLKLWRINSKRMMNAIKESYDYNPNKTNRPFISQKIHFPDFSTRDIHRNYVDCVR
WLGDLILSKSCENAIVCWKPGKMEDDIDKIKPSESNVTILGRFDYSQCDIWYMRFSTDFWQKMLALGNQVGKLYVWDLEV
EDPHKAKCTTLTHHKCGAAIRQTSFSRDSSILIAVCDDASIWRWDRLR
;
_entity_poly.pdbx_strand_id   A
#
loop_
_chem_comp.id
_chem_comp.type
_chem_comp.name
_chem_comp.formula
GOL non-polymer GLYCEROL 'C3 H8 O3'
Q3D non-polymer 8-(6-cyclopropylpyridin-3-yl)-N-[(5-fluoro-2,3-dihydro-1-benzofuran-4-yl)methyl]-1-(methylsulfonyl)imidazo[1,5-c]pyrimidin-5-amine 'C24 H22 F N5 O3 S'
#
# COMPACT_ATOMS: atom_id res chain seq x y z
N SER A 8 -22.94 -4.09 11.46
CA SER A 8 -21.79 -4.93 11.84
C SER A 8 -21.52 -6.07 10.83
N PHE A 9 -20.28 -6.62 10.85
CA PHE A 9 -19.79 -7.67 9.96
C PHE A 9 -20.13 -9.11 10.33
N LYS A 10 -20.43 -9.92 9.29
CA LYS A 10 -20.73 -11.35 9.36
C LYS A 10 -19.97 -12.02 8.23
N CYS A 11 -19.34 -13.16 8.50
CA CYS A 11 -18.60 -13.89 7.49
C CYS A 11 -19.61 -14.62 6.61
N VAL A 12 -19.61 -14.29 5.31
CA VAL A 12 -20.57 -14.80 4.34
C VAL A 12 -19.96 -15.84 3.42
N ASN A 13 -18.62 -15.94 3.36
CA ASN A 13 -17.93 -16.89 2.48
C ASN A 13 -16.43 -16.94 2.71
N SER A 14 -15.82 -18.02 2.24
CA SER A 14 -14.38 -18.24 2.22
C SER A 14 -14.04 -19.13 1.04
N LEU A 15 -12.79 -19.11 0.60
CA LEU A 15 -12.30 -19.97 -0.47
C LEU A 15 -10.80 -20.13 -0.36
N LYS A 16 -10.22 -21.07 -1.13
CA LYS A 16 -8.78 -21.28 -1.09
C LYS A 16 -8.23 -21.29 -2.50
N GLU A 17 -7.07 -20.65 -2.74
CA GLU A 17 -6.45 -20.69 -4.08
C GLU A 17 -5.67 -22.01 -4.25
N ASP A 18 -5.63 -22.58 -5.47
CA ASP A 18 -5.03 -23.89 -5.78
C ASP A 18 -3.52 -24.01 -5.45
N HIS A 19 -2.74 -22.92 -5.55
CA HIS A 19 -1.30 -22.92 -5.30
C HIS A 19 -0.90 -23.27 -3.85
N ASN A 20 -1.81 -23.05 -2.87
CA ASN A 20 -1.64 -23.31 -1.44
C ASN A 20 -0.53 -22.46 -0.79
N GLN A 21 -0.03 -21.43 -1.51
CA GLN A 21 1.02 -20.51 -1.02
C GLN A 21 0.37 -19.32 -0.32
N PRO A 22 1.10 -18.57 0.56
CA PRO A 22 0.46 -17.43 1.22
C PRO A 22 0.00 -16.36 0.22
N LEU A 23 -1.05 -15.66 0.61
CA LEU A 23 -1.56 -14.50 -0.10
C LEU A 23 -1.00 -13.31 0.71
N PHE A 24 -0.20 -12.48 0.05
CA PHE A 24 0.49 -11.35 0.65
C PHE A 24 -0.22 -10.04 0.46
N GLY A 25 -1.11 -9.99 -0.53
CA GLY A 25 -1.84 -8.77 -0.84
C GLY A 25 -3.22 -8.99 -1.37
N VAL A 26 -4.09 -8.00 -1.11
CA VAL A 26 -5.48 -7.93 -1.55
C VAL A 26 -5.86 -6.48 -1.67
N GLN A 27 -6.46 -6.14 -2.80
CA GLN A 27 -6.91 -4.78 -3.03
C GLN A 27 -8.20 -4.81 -3.81
N PHE A 28 -9.23 -4.11 -3.29
CA PHE A 28 -10.45 -3.87 -4.03
C PHE A 28 -10.13 -2.78 -5.03
N ASN A 29 -10.82 -2.81 -6.18
CA ASN A 29 -10.71 -1.75 -7.17
C ASN A 29 -11.67 -0.62 -6.74
N TRP A 30 -11.16 0.49 -6.17
CA TRP A 30 -12.04 1.61 -5.79
C TRP A 30 -12.43 2.48 -7.03
N HIS A 31 -11.90 2.13 -8.22
CA HIS A 31 -12.22 2.85 -9.46
C HIS A 31 -13.31 2.15 -10.29
N SER A 32 -13.87 1.02 -9.81
CA SER A 32 -14.92 0.29 -10.54
C SER A 32 -16.14 1.19 -10.76
N LYS A 33 -16.69 1.13 -11.98
CA LYS A 33 -17.83 1.92 -12.45
C LYS A 33 -19.16 1.61 -11.73
N GLU A 34 -20.06 2.61 -11.71
CA GLU A 34 -21.39 2.53 -11.10
C GLU A 34 -22.22 1.40 -11.75
N GLY A 35 -22.92 0.63 -10.91
CA GLY A 35 -23.73 -0.50 -11.37
C GLY A 35 -22.95 -1.80 -11.51
N ASP A 36 -21.63 -1.72 -11.79
CA ASP A 36 -20.74 -2.87 -11.94
C ASP A 36 -20.50 -3.55 -10.60
N PRO A 37 -20.34 -4.89 -10.54
CA PRO A 37 -20.08 -5.52 -9.24
C PRO A 37 -18.69 -5.13 -8.71
N LEU A 38 -18.47 -5.34 -7.42
CA LEU A 38 -17.21 -5.03 -6.77
C LEU A 38 -16.16 -6.09 -7.14
N VAL A 39 -14.96 -5.64 -7.48
CA VAL A 39 -13.86 -6.50 -7.92
C VAL A 39 -12.67 -6.29 -7.01
N PHE A 40 -12.01 -7.40 -6.63
CA PHE A 40 -10.76 -7.31 -5.85
C PHE A 40 -9.70 -8.20 -6.48
N ALA A 41 -8.43 -7.80 -6.26
CA ALA A 41 -7.27 -8.55 -6.75
C ALA A 41 -6.59 -9.18 -5.56
N THR A 42 -6.06 -10.41 -5.71
CA THR A 42 -5.23 -11.03 -4.65
C THR A 42 -3.87 -11.30 -5.27
N VAL A 43 -2.80 -11.26 -4.48
CA VAL A 43 -1.44 -11.59 -4.95
C VAL A 43 -0.84 -12.62 -4.02
N GLY A 44 -0.21 -13.61 -4.61
CA GLY A 44 0.42 -14.72 -3.89
C GLY A 44 1.08 -15.63 -4.89
N SER A 45 2.07 -16.41 -4.45
CA SER A 45 2.90 -17.28 -5.32
C SER A 45 3.40 -16.37 -6.49
N ASN A 46 3.40 -16.83 -7.75
CA ASN A 46 3.80 -16.00 -8.91
C ASN A 46 2.51 -15.56 -9.70
N ARG A 47 1.40 -15.34 -8.98
CA ARG A 47 0.06 -15.08 -9.55
C ARG A 47 -0.64 -13.84 -9.01
N VAL A 48 -1.51 -13.24 -9.85
CA VAL A 48 -2.47 -12.18 -9.52
C VAL A 48 -3.82 -12.73 -9.96
N THR A 49 -4.82 -12.71 -9.11
CA THR A 49 -6.15 -13.25 -9.44
C THR A 49 -7.23 -12.21 -9.17
N LEU A 50 -8.23 -12.12 -10.07
CA LEU A 50 -9.37 -11.23 -9.92
C LEU A 50 -10.63 -11.99 -9.57
N TYR A 51 -11.39 -11.41 -8.65
CA TYR A 51 -12.66 -11.96 -8.18
C TYR A 51 -13.73 -10.88 -8.20
N GLU A 52 -14.97 -11.28 -8.45
CA GLU A 52 -16.13 -10.40 -8.45
C GLU A 52 -17.03 -10.79 -7.27
N CYS A 53 -17.45 -9.79 -6.49
CA CYS A 53 -18.33 -9.98 -5.35
C CYS A 53 -19.78 -9.89 -5.82
N HIS A 54 -20.58 -10.89 -5.45
CA HIS A 54 -22.01 -10.98 -5.76
C HIS A 54 -22.83 -11.19 -4.48
N SER A 55 -24.18 -11.17 -4.62
CA SER A 55 -25.17 -11.37 -3.53
C SER A 55 -25.08 -12.76 -2.95
N GLN A 56 -25.55 -12.94 -1.70
CA GLN A 56 -25.52 -14.22 -0.98
C GLN A 56 -24.09 -14.69 -0.71
N GLY A 57 -23.18 -13.72 -0.61
CA GLY A 57 -21.77 -13.96 -0.33
C GLY A 57 -21.00 -14.61 -1.45
N GLU A 58 -21.58 -14.70 -2.66
CA GLU A 58 -20.90 -15.31 -3.81
C GLU A 58 -19.68 -14.51 -4.25
N ILE A 59 -18.59 -15.21 -4.46
CA ILE A 59 -17.35 -14.66 -4.98
C ILE A 59 -17.16 -15.40 -6.30
N ARG A 60 -17.12 -14.68 -7.41
CA ARG A 60 -16.95 -15.31 -8.70
C ARG A 60 -15.49 -15.17 -9.18
N LEU A 61 -14.81 -16.32 -9.37
CA LEU A 61 -13.45 -16.38 -9.90
C LEU A 61 -13.46 -15.92 -11.37
N LEU A 62 -12.60 -14.95 -11.70
CA LEU A 62 -12.50 -14.42 -13.05
C LEU A 62 -11.30 -14.99 -13.81
N GLN A 63 -10.15 -14.31 -13.77
CA GLN A 63 -8.98 -14.71 -14.51
C GLN A 63 -7.71 -14.33 -13.72
N SER A 64 -6.61 -15.04 -13.97
CA SER A 64 -5.32 -14.79 -13.32
C SER A 64 -4.25 -14.37 -14.30
N TYR A 65 -3.23 -13.67 -13.81
CA TYR A 65 -2.01 -13.42 -14.56
C TYR A 65 -0.99 -14.30 -13.83
N VAL A 66 -0.32 -15.19 -14.56
CA VAL A 66 0.70 -16.08 -14.00
C VAL A 66 2.02 -15.67 -14.58
N ASP A 67 3.04 -15.41 -13.73
CA ASP A 67 4.34 -14.98 -14.21
C ASP A 67 5.07 -16.12 -14.95
N ALA A 68 5.83 -15.78 -16.00
CA ALA A 68 6.60 -16.74 -16.81
C ALA A 68 7.68 -17.46 -15.98
N ASP A 69 8.19 -16.79 -14.94
CA ASP A 69 9.16 -17.31 -13.99
C ASP A 69 8.41 -17.91 -12.80
N ALA A 70 8.51 -19.24 -12.63
CA ALA A 70 7.87 -19.98 -11.52
C ALA A 70 8.42 -19.58 -10.13
N ASP A 71 9.60 -18.93 -10.08
CA ASP A 71 10.24 -18.47 -8.84
C ASP A 71 9.80 -17.06 -8.38
N GLU A 72 9.06 -16.31 -9.24
CA GLU A 72 8.55 -14.98 -8.89
C GLU A 72 7.61 -15.08 -7.67
N ASN A 73 7.62 -14.05 -6.82
CA ASN A 73 6.71 -13.93 -5.68
C ASN A 73 6.14 -12.54 -5.71
N PHE A 74 4.85 -12.41 -6.01
CA PHE A 74 4.22 -11.08 -6.02
C PHE A 74 3.90 -10.69 -4.59
N TYR A 75 4.32 -9.48 -4.19
CA TYR A 75 4.12 -9.00 -2.82
C TYR A 75 3.09 -7.92 -2.66
N THR A 76 2.75 -7.27 -3.77
CA THR A 76 1.91 -6.11 -3.72
C THR A 76 1.21 -5.89 -5.05
N CYS A 77 0.10 -5.16 -5.01
CA CYS A 77 -0.68 -4.76 -6.17
C CYS A 77 -1.42 -3.45 -5.87
N ALA A 78 -1.71 -2.67 -6.92
CA ALA A 78 -2.40 -1.39 -6.79
C ALA A 78 -3.21 -1.11 -8.05
N TRP A 79 -4.39 -0.54 -7.89
CA TRP A 79 -5.28 -0.18 -8.98
C TRP A 79 -5.12 1.25 -9.40
N THR A 80 -5.20 1.48 -10.69
CA THR A 80 -5.27 2.81 -11.27
C THR A 80 -6.26 2.73 -12.43
N TYR A 81 -6.27 3.74 -13.29
CA TYR A 81 -7.07 3.74 -14.50
C TYR A 81 -6.31 4.44 -15.61
N ASP A 82 -6.63 4.08 -16.85
CA ASP A 82 -6.08 4.66 -18.05
C ASP A 82 -6.54 6.14 -18.13
N SER A 83 -5.56 7.04 -18.26
CA SER A 83 -5.77 8.49 -18.23
C SER A 83 -6.60 9.05 -19.41
N ASN A 84 -6.83 8.26 -20.46
CA ASN A 84 -7.68 8.73 -21.57
C ASN A 84 -8.99 8.00 -21.64
N THR A 85 -9.01 6.70 -21.34
CA THR A 85 -10.23 5.91 -21.52
C THR A 85 -11.03 5.63 -20.26
N SER A 86 -10.42 5.82 -19.05
CA SER A 86 -11.00 5.55 -17.72
C SER A 86 -11.05 4.07 -17.40
N HIS A 87 -10.54 3.21 -18.29
CA HIS A 87 -10.54 1.77 -18.03
C HIS A 87 -9.55 1.38 -16.92
N PRO A 88 -9.98 0.54 -15.95
CA PRO A 88 -9.07 0.14 -14.85
C PRO A 88 -7.79 -0.55 -15.33
N LEU A 89 -6.71 -0.34 -14.57
CA LEU A 89 -5.40 -0.96 -14.78
C LEU A 89 -4.91 -1.44 -13.44
N LEU A 90 -4.13 -2.52 -13.44
CA LEU A 90 -3.60 -3.10 -12.21
C LEU A 90 -2.08 -3.20 -12.28
N ALA A 91 -1.37 -2.72 -11.26
CA ALA A 91 0.08 -2.82 -11.18
C ALA A 91 0.38 -3.86 -10.12
N VAL A 92 1.33 -4.76 -10.40
CA VAL A 92 1.78 -5.81 -9.49
C VAL A 92 3.32 -5.83 -9.49
N ALA A 93 3.92 -6.28 -8.38
CA ALA A 93 5.39 -6.37 -8.26
C ALA A 93 5.73 -7.26 -7.08
N GLY A 94 6.97 -7.73 -7.04
CA GLY A 94 7.45 -8.58 -5.97
C GLY A 94 8.94 -8.84 -6.04
N SER A 95 9.35 -10.09 -5.70
CA SER A 95 10.77 -10.54 -5.61
C SER A 95 11.63 -10.30 -6.86
N ARG A 96 11.07 -10.34 -8.09
CA ARG A 96 11.89 -10.07 -9.29
C ARG A 96 12.25 -8.59 -9.45
N GLY A 97 11.56 -7.71 -8.73
CA GLY A 97 11.81 -6.27 -8.88
C GLY A 97 11.34 -5.72 -10.21
N ILE A 98 10.29 -6.34 -10.80
CA ILE A 98 9.70 -5.89 -12.06
C ILE A 98 8.29 -5.44 -11.80
N ILE A 99 7.97 -4.20 -12.22
CA ILE A 99 6.62 -3.68 -12.06
C ILE A 99 5.89 -4.06 -13.33
N ARG A 100 4.74 -4.69 -13.21
CA ARG A 100 3.93 -5.02 -14.39
C ARG A 100 2.62 -4.29 -14.35
N ILE A 101 2.26 -3.72 -15.48
CA ILE A 101 0.99 -3.06 -15.66
C ILE A 101 0.14 -4.06 -16.41
N ILE A 102 -0.98 -4.48 -15.80
CA ILE A 102 -1.86 -5.47 -16.38
C ILE A 102 -3.18 -4.86 -16.81
N ASN A 103 -3.69 -5.26 -17.98
CA ASN A 103 -5.04 -4.88 -18.43
C ASN A 103 -5.92 -5.89 -17.66
N PRO A 104 -6.73 -5.48 -16.67
CA PRO A 104 -7.47 -6.47 -15.89
C PRO A 104 -8.57 -7.25 -16.65
N ILE A 105 -9.02 -6.75 -17.80
CA ILE A 105 -10.06 -7.37 -18.63
C ILE A 105 -9.52 -8.68 -19.24
N THR A 106 -8.38 -8.60 -19.90
CA THR A 106 -7.76 -9.73 -20.60
C THR A 106 -6.64 -10.40 -19.78
N MET A 107 -6.22 -9.77 -18.67
CA MET A 107 -5.10 -10.14 -17.81
C MET A 107 -3.76 -10.14 -18.60
N GLN A 108 -3.67 -9.28 -19.62
CA GLN A 108 -2.44 -9.11 -20.41
C GLN A 108 -1.51 -8.11 -19.71
N CYS A 109 -0.21 -8.39 -19.69
CA CYS A 109 0.78 -7.43 -19.20
C CYS A 109 1.02 -6.50 -20.40
N ILE A 110 0.63 -5.23 -20.29
CA ILE A 110 0.74 -4.26 -21.37
C ILE A 110 2.07 -3.54 -21.35
N LYS A 111 2.73 -3.48 -20.17
CA LYS A 111 4.06 -2.90 -20.01
C LYS A 111 4.69 -3.26 -18.67
N HIS A 112 6.01 -3.15 -18.60
CA HIS A 112 6.77 -3.46 -17.39
C HIS A 112 7.90 -2.46 -17.18
N TYR A 113 8.29 -2.25 -15.92
CA TYR A 113 9.36 -1.33 -15.53
C TYR A 113 10.33 -2.03 -14.64
N VAL A 114 11.62 -1.75 -14.85
CA VAL A 114 12.68 -2.30 -14.02
C VAL A 114 13.49 -1.10 -13.56
N GLY A 115 13.79 -1.04 -12.28
CA GLY A 115 14.62 -0.01 -11.69
C GLY A 115 16.03 -0.56 -11.74
N HIS A 116 16.50 -1.14 -10.63
CA HIS A 116 17.79 -1.83 -10.54
C HIS A 116 17.54 -3.35 -10.44
N GLY A 117 16.26 -3.73 -10.41
CA GLY A 117 15.81 -5.12 -10.39
C GLY A 117 15.80 -5.82 -9.04
N ASN A 118 15.71 -5.05 -7.93
CA ASN A 118 15.67 -5.59 -6.56
C ASN A 118 14.22 -5.69 -6.05
N ALA A 119 13.90 -6.64 -5.13
CA ALA A 119 12.51 -6.87 -4.71
C ALA A 119 11.74 -5.62 -4.35
N ILE A 120 10.46 -5.56 -4.76
CA ILE A 120 9.53 -4.45 -4.48
C ILE A 120 8.57 -4.93 -3.41
N ASN A 121 8.48 -4.19 -2.32
CA ASN A 121 7.62 -4.52 -1.20
C ASN A 121 6.22 -3.88 -1.27
N GLU A 122 6.11 -2.70 -1.94
CA GLU A 122 4.83 -2.02 -2.00
C GLU A 122 4.71 -1.11 -3.22
N LEU A 123 3.49 -1.00 -3.76
CA LEU A 123 3.14 -0.10 -4.86
C LEU A 123 1.97 0.75 -4.40
N LYS A 124 2.02 2.05 -4.70
CA LYS A 124 0.92 2.97 -4.41
C LYS A 124 0.81 3.96 -5.54
N PHE A 125 -0.39 4.17 -6.07
CA PHE A 125 -0.64 5.20 -7.07
C PHE A 125 -0.93 6.51 -6.33
N HIS A 126 -0.50 7.61 -6.92
CA HIS A 126 -0.72 8.96 -6.39
C HIS A 126 -2.26 9.16 -6.21
N PRO A 127 -2.76 9.74 -5.10
CA PRO A 127 -4.23 9.85 -4.93
C PRO A 127 -4.97 10.80 -5.89
N ARG A 128 -4.23 11.73 -6.53
CA ARG A 128 -4.80 12.73 -7.44
C ARG A 128 -4.33 12.61 -8.90
N ASP A 129 -3.37 11.74 -9.15
CA ASP A 129 -2.80 11.54 -10.47
C ASP A 129 -2.64 10.06 -10.75
N PRO A 130 -3.50 9.50 -11.65
CA PRO A 130 -3.47 8.05 -11.92
C PRO A 130 -2.21 7.54 -12.61
N ASN A 131 -1.43 8.45 -13.17
CA ASN A 131 -0.20 8.16 -13.87
C ASN A 131 1.02 8.02 -12.95
N LEU A 132 0.93 8.46 -11.68
CA LEU A 132 2.12 8.46 -10.81
C LEU A 132 2.14 7.30 -9.88
N LEU A 133 3.11 6.43 -10.09
CA LEU A 133 3.25 5.20 -9.33
C LEU A 133 4.49 5.22 -8.47
N LEU A 134 4.31 4.98 -7.17
CA LEU A 134 5.38 4.88 -6.21
C LEU A 134 5.69 3.40 -5.90
N SER A 135 6.96 3.02 -5.94
CA SER A 135 7.38 1.65 -5.61
C SER A 135 8.38 1.75 -4.46
N VAL A 136 8.38 0.79 -3.59
CA VAL A 136 9.24 0.74 -2.41
C VAL A 136 10.07 -0.54 -2.50
N SER A 137 11.38 -0.44 -2.27
CA SER A 137 12.23 -1.58 -2.49
C SER A 137 13.19 -1.99 -1.37
N LYS A 138 13.61 -3.26 -1.44
CA LYS A 138 14.62 -3.88 -0.60
C LYS A 138 16.00 -3.23 -0.89
N ASP A 139 16.14 -2.48 -2.01
CA ASP A 139 17.42 -1.79 -2.29
C ASP A 139 17.53 -0.42 -1.56
N HIS A 140 16.68 -0.16 -0.52
CA HIS A 140 16.71 1.02 0.36
C HIS A 140 16.12 2.27 -0.26
N ALA A 141 15.60 2.16 -1.48
CA ALA A 141 15.08 3.32 -2.17
C ALA A 141 13.58 3.21 -2.48
N LEU A 142 12.99 4.38 -2.74
CA LEU A 142 11.62 4.50 -3.21
C LEU A 142 11.79 5.05 -4.61
N ARG A 143 10.90 4.69 -5.53
CA ARG A 143 10.96 5.24 -6.89
C ARG A 143 9.59 5.75 -7.33
N LEU A 144 9.59 6.90 -7.97
CA LEU A 144 8.39 7.51 -8.52
C LEU A 144 8.45 7.42 -10.04
N TRP A 145 7.45 6.74 -10.63
CA TRP A 145 7.32 6.47 -12.06
C TRP A 145 6.13 7.22 -12.64
N ASN A 146 6.25 7.61 -13.91
CA ASN A 146 5.15 8.21 -14.67
C ASN A 146 4.80 7.14 -15.72
N ILE A 147 3.71 6.44 -15.52
CA ILE A 147 3.31 5.32 -16.40
C ILE A 147 2.66 5.81 -17.71
N GLN A 148 2.41 7.10 -17.87
CA GLN A 148 1.92 7.63 -19.13
C GLN A 148 3.11 7.82 -20.11
N THR A 149 4.25 8.34 -19.64
CA THR A 149 5.41 8.60 -20.50
C THR A 149 6.50 7.56 -20.29
N ASP A 150 6.25 6.56 -19.40
CA ASP A 150 7.18 5.45 -19.12
C ASP A 150 8.53 5.98 -18.60
N THR A 151 8.49 6.95 -17.70
CA THR A 151 9.71 7.55 -17.18
C THR A 151 9.84 7.33 -15.68
N LEU A 152 11.10 7.28 -15.22
CA LEU A 152 11.41 7.26 -13.81
C LEU A 152 11.57 8.75 -13.45
N VAL A 153 10.63 9.30 -12.67
CA VAL A 153 10.63 10.71 -12.25
C VAL A 153 11.69 11.00 -11.19
N ALA A 154 11.76 10.13 -10.14
CA ALA A 154 12.68 10.33 -9.02
C ALA A 154 12.97 9.06 -8.25
N ILE A 155 14.14 9.07 -7.56
CA ILE A 155 14.62 8.03 -6.66
C ILE A 155 14.77 8.73 -5.32
N PHE A 156 14.11 8.18 -4.27
CA PHE A 156 14.17 8.70 -2.89
C PHE A 156 15.02 7.73 -2.12
N GLY A 157 16.22 8.15 -1.84
CA GLY A 157 17.19 7.33 -1.14
C GLY A 157 18.44 8.12 -0.86
N GLY A 158 19.56 7.51 -1.13
CA GLY A 158 20.86 8.11 -0.99
C GLY A 158 21.49 8.23 0.38
N VAL A 159 22.36 9.23 0.45
CA VAL A 159 23.23 9.53 1.58
C VAL A 159 22.43 9.75 2.91
N GLU A 160 21.22 10.37 2.89
CA GLU A 160 20.37 10.47 4.11
C GLU A 160 19.03 9.73 3.97
N GLY A 161 18.94 8.79 3.04
CA GLY A 161 17.71 8.02 2.85
C GLY A 161 17.70 6.82 3.75
N HIS A 162 16.75 5.89 3.52
CA HIS A 162 16.72 4.66 4.30
C HIS A 162 18.05 3.93 4.29
N ARG A 163 18.38 3.28 5.42
CA ARG A 163 19.65 2.55 5.57
C ARG A 163 19.47 1.04 5.52
N ASP A 164 18.28 0.59 5.13
CA ASP A 164 17.98 -0.83 5.00
C ASP A 164 16.70 -0.94 4.16
N GLU A 165 16.23 -2.14 3.94
CA GLU A 165 15.04 -2.42 3.12
C GLU A 165 13.82 -1.57 3.50
N VAL A 166 13.18 -0.97 2.47
CA VAL A 166 11.98 -0.15 2.67
C VAL A 166 10.79 -1.12 2.57
N LEU A 167 9.89 -1.06 3.54
CA LEU A 167 8.77 -2.00 3.61
C LEU A 167 7.46 -1.42 3.16
N SER A 168 7.23 -0.12 3.42
CA SER A 168 5.95 0.51 3.15
C SER A 168 6.14 1.99 2.93
N ALA A 169 5.15 2.62 2.30
CA ALA A 169 5.11 4.07 2.08
C ALA A 169 3.68 4.48 1.78
N ASP A 170 3.35 5.75 2.00
CA ASP A 170 2.01 6.22 1.74
C ASP A 170 2.04 7.68 1.39
N TYR A 171 1.07 8.10 0.58
CA TYR A 171 0.92 9.49 0.21
C TYR A 171 -0.07 10.12 1.19
N ASP A 172 0.09 11.42 1.48
CA ASP A 172 -0.95 12.08 2.27
C ASP A 172 -2.15 12.29 1.32
N LEU A 173 -3.20 12.92 1.82
CA LEU A 173 -4.45 13.19 1.12
C LEU A 173 -4.26 13.87 -0.25
N LEU A 174 -3.49 14.97 -0.32
CA LEU A 174 -3.35 15.66 -1.60
C LEU A 174 -2.28 15.09 -2.51
N GLY A 175 -1.47 14.17 -1.99
CA GLY A 175 -0.33 13.60 -2.68
C GLY A 175 0.79 14.63 -2.80
N GLU A 176 0.94 15.48 -1.75
CA GLU A 176 1.98 16.51 -1.64
C GLU A 176 3.21 15.96 -0.93
N LYS A 177 3.02 14.87 -0.14
CA LYS A 177 4.12 14.29 0.63
C LYS A 177 3.96 12.77 0.81
N ILE A 178 5.08 12.11 1.04
CA ILE A 178 5.14 10.66 1.20
C ILE A 178 5.76 10.36 2.55
N MET A 179 5.24 9.36 3.27
CA MET A 179 5.88 8.86 4.49
C MET A 179 6.25 7.42 4.16
N SER A 180 7.52 7.05 4.33
CA SER A 180 8.02 5.70 4.09
C SER A 180 8.56 5.13 5.39
N CYS A 181 8.72 3.80 5.45
CA CYS A 181 9.24 3.16 6.66
C CYS A 181 9.90 1.86 6.28
N GLY A 182 10.71 1.30 7.19
CA GLY A 182 11.32 0.00 6.93
C GLY A 182 12.16 -0.59 8.04
N MET A 183 13.10 -1.46 7.64
CA MET A 183 14.00 -2.27 8.46
C MET A 183 15.02 -1.49 9.28
N ASP A 184 15.28 -0.22 8.92
CA ASP A 184 16.17 0.64 9.69
C ASP A 184 15.45 1.26 10.91
N HIS A 185 14.15 0.88 11.17
CA HIS A 185 13.30 1.36 12.30
C HIS A 185 12.79 2.81 12.07
N SER A 186 13.20 3.46 10.99
CA SER A 186 12.75 4.82 10.80
C SER A 186 11.51 5.03 9.93
N LEU A 187 10.90 6.21 10.09
CA LEU A 187 9.83 6.72 9.27
C LEU A 187 10.38 8.03 8.70
N LYS A 188 10.35 8.17 7.37
CA LYS A 188 10.90 9.33 6.68
C LYS A 188 9.86 10.02 5.85
N LEU A 189 9.89 11.35 5.90
CA LEU A 189 8.96 12.19 5.16
C LEU A 189 9.67 12.73 3.91
N TRP A 190 9.05 12.66 2.73
CA TRP A 190 9.62 13.17 1.48
C TRP A 190 8.58 14.11 0.88
N ARG A 191 8.91 15.40 0.73
CA ARG A 191 7.93 16.33 0.18
C ARG A 191 8.01 16.30 -1.33
N ILE A 192 6.88 16.12 -2.00
CA ILE A 192 6.91 16.05 -3.46
C ILE A 192 6.23 17.27 -4.12
N ASN A 193 5.92 18.31 -3.31
CA ASN A 193 5.36 19.56 -3.83
C ASN A 193 6.45 20.65 -3.80
N SER A 194 7.72 20.23 -3.63
CA SER A 194 8.85 21.17 -3.68
C SER A 194 8.94 21.66 -5.15
N LYS A 195 9.62 22.79 -5.38
CA LYS A 195 9.80 23.36 -6.72
C LYS A 195 10.50 22.34 -7.62
N ARG A 196 11.53 21.69 -7.06
CA ARG A 196 12.31 20.68 -7.74
C ARG A 196 11.45 19.45 -8.22
N MET A 197 10.61 18.92 -7.34
CA MET A 197 9.76 17.77 -7.63
C MET A 197 8.57 18.13 -8.55
N MET A 198 7.99 19.34 -8.39
CA MET A 198 6.92 19.82 -9.28
C MET A 198 7.51 19.93 -10.68
N ASN A 199 8.74 20.46 -10.81
CA ASN A 199 9.39 20.60 -12.11
C ASN A 199 9.75 19.24 -12.69
N ALA A 200 10.17 18.29 -11.84
CA ALA A 200 10.52 16.96 -12.32
C ALA A 200 9.27 16.28 -12.92
N ILE A 201 8.13 16.40 -12.25
CA ILE A 201 6.87 15.80 -12.67
C ILE A 201 6.39 16.43 -13.99
N LYS A 202 6.45 17.77 -14.10
CA LYS A 202 6.07 18.51 -15.31
C LYS A 202 6.90 18.03 -16.49
N GLU A 203 8.24 17.96 -16.29
CA GLU A 203 9.17 17.52 -17.31
C GLU A 203 8.89 16.09 -17.71
N SER A 204 8.54 15.21 -16.75
CA SER A 204 8.25 13.81 -17.05
C SER A 204 7.06 13.71 -18.02
N TYR A 205 6.09 14.63 -17.92
CA TYR A 205 4.93 14.69 -18.81
C TYR A 205 5.29 15.22 -20.17
N ASP A 206 6.29 16.13 -20.26
CA ASP A 206 6.77 16.72 -21.52
C ASP A 206 7.72 15.81 -22.25
N TYR A 207 8.13 14.71 -21.61
CA TYR A 207 9.08 13.80 -22.25
C TYR A 207 8.40 12.89 -23.24
N ASN A 208 8.92 12.89 -24.45
CA ASN A 208 8.51 12.00 -25.52
C ASN A 208 9.84 11.68 -26.21
N PRO A 209 10.38 10.44 -26.02
CA PRO A 209 11.71 10.11 -26.57
C PRO A 209 11.79 10.09 -28.10
N ASN A 210 10.63 9.93 -28.77
CA ASN A 210 10.52 9.98 -30.23
C ASN A 210 10.66 11.44 -30.66
N LYS A 211 10.40 12.40 -29.72
CA LYS A 211 10.47 13.84 -29.96
C LYS A 211 11.71 14.56 -29.37
N THR A 212 12.70 13.82 -28.79
CA THR A 212 13.93 14.41 -28.20
C THR A 212 15.17 13.50 -28.24
N ASN A 213 16.35 14.07 -27.89
CA ASN A 213 17.67 13.41 -27.84
C ASN A 213 18.17 13.09 -26.44
N ARG A 214 17.78 13.91 -25.44
CA ARG A 214 18.13 13.79 -24.02
C ARG A 214 17.49 12.56 -23.38
N PRO A 215 18.19 11.88 -22.42
CA PRO A 215 17.53 10.77 -21.69
C PRO A 215 16.51 11.39 -20.76
N PHE A 216 15.55 10.64 -20.19
CA PHE A 216 14.73 11.38 -19.23
C PHE A 216 15.62 11.40 -18.01
N ILE A 217 15.87 12.58 -17.47
CA ILE A 217 16.77 12.76 -16.32
C ILE A 217 16.00 12.64 -15.00
N SER A 218 16.12 11.48 -14.34
CA SER A 218 15.48 11.17 -13.06
C SER A 218 16.17 11.96 -11.95
N GLN A 219 15.43 12.46 -10.96
CA GLN A 219 16.00 13.19 -9.81
C GLN A 219 16.44 12.17 -8.76
N LYS A 220 17.57 12.42 -8.09
CA LYS A 220 17.96 11.58 -6.98
C LYS A 220 17.82 12.46 -5.75
N ILE A 221 16.83 12.13 -4.89
CA ILE A 221 16.50 12.89 -3.67
C ILE A 221 17.20 12.17 -2.51
N HIS A 222 18.32 12.73 -2.06
CA HIS A 222 19.16 12.16 -1.00
C HIS A 222 18.70 12.48 0.42
N PHE A 223 17.94 13.55 0.58
CA PHE A 223 17.51 14.06 1.89
C PHE A 223 16.02 14.10 2.10
N PRO A 224 15.52 13.38 3.12
CA PRO A 224 14.09 13.53 3.50
C PRO A 224 13.88 14.83 4.30
N ASP A 225 12.63 15.25 4.37
CA ASP A 225 12.21 16.47 5.05
C ASP A 225 11.94 16.27 6.54
N PHE A 226 12.04 15.02 7.01
CA PHE A 226 11.85 14.62 8.39
C PHE A 226 12.20 13.15 8.52
N SER A 227 12.75 12.79 9.66
CA SER A 227 13.12 11.41 9.97
C SER A 227 12.96 11.14 11.46
N THR A 228 12.44 10.00 11.82
CA THR A 228 12.31 9.60 13.22
C THR A 228 12.52 8.12 13.40
N ARG A 229 13.12 7.73 14.53
CA ARG A 229 13.29 6.34 14.93
C ARG A 229 12.68 6.20 16.34
N ASP A 230 11.93 7.22 16.80
CA ASP A 230 11.36 7.28 18.15
C ASP A 230 10.02 6.60 18.36
N ILE A 231 9.41 6.02 17.30
CA ILE A 231 8.07 5.46 17.41
C ILE A 231 8.08 3.97 17.79
N HIS A 232 8.86 3.18 17.06
CA HIS A 232 8.92 1.72 17.20
C HIS A 232 10.35 1.31 17.55
N ARG A 233 10.53 0.08 18.02
CA ARG A 233 11.83 -0.46 18.43
C ARG A 233 12.22 -1.68 17.58
N ASN A 234 11.60 -1.82 16.39
CA ASN A 234 11.85 -2.90 15.45
C ASN A 234 11.44 -2.44 14.03
N TYR A 235 11.47 -3.36 13.04
CA TYR A 235 11.11 -3.11 11.63
C TYR A 235 9.71 -2.47 11.53
N VAL A 236 9.59 -1.33 10.85
CA VAL A 236 8.30 -0.66 10.64
C VAL A 236 7.80 -1.23 9.32
N ASP A 237 6.76 -2.10 9.36
CA ASP A 237 6.33 -2.79 8.14
C ASP A 237 5.04 -2.26 7.50
N CYS A 238 4.43 -1.20 8.06
CA CYS A 238 3.22 -0.62 7.51
C CYS A 238 3.02 0.79 8.01
N VAL A 239 2.76 1.71 7.05
CA VAL A 239 2.50 3.14 7.31
C VAL A 239 1.33 3.64 6.47
N ARG A 240 0.49 4.50 7.04
CA ARG A 240 -0.61 5.14 6.34
C ARG A 240 -0.84 6.51 6.97
N TRP A 241 -1.20 7.48 6.15
CA TRP A 241 -1.59 8.78 6.65
C TRP A 241 -3.06 8.73 7.11
N LEU A 242 -3.37 9.46 8.19
CA LEU A 242 -4.74 9.62 8.68
C LEU A 242 -4.83 11.14 8.79
N GLY A 243 -5.10 11.80 7.66
CA GLY A 243 -5.06 13.27 7.58
C GLY A 243 -3.64 13.75 7.73
N ASP A 244 -3.39 14.70 8.64
CA ASP A 244 -2.05 15.17 8.97
C ASP A 244 -1.33 14.26 10.01
N LEU A 245 -2.00 13.16 10.41
CA LEU A 245 -1.48 12.19 11.37
C LEU A 245 -0.98 10.97 10.65
N ILE A 246 -0.17 10.19 11.34
CA ILE A 246 0.40 8.96 10.83
C ILE A 246 -0.03 7.80 11.69
N LEU A 247 -0.29 6.66 11.06
CA LEU A 247 -0.56 5.36 11.66
C LEU A 247 0.58 4.47 11.19
N SER A 248 1.32 3.87 12.11
CA SER A 248 2.37 2.95 11.71
C SER A 248 2.45 1.81 12.68
N LYS A 249 2.95 0.66 12.21
CA LYS A 249 3.08 -0.52 13.06
C LYS A 249 4.42 -1.19 12.88
N SER A 250 4.85 -1.88 13.91
CA SER A 250 6.01 -2.74 13.90
C SER A 250 5.48 -4.14 14.27
N CYS A 251 6.31 -5.03 14.78
CA CYS A 251 5.89 -6.37 15.16
C CYS A 251 5.73 -6.42 16.71
N GLU A 252 5.35 -5.29 17.34
CA GLU A 252 5.21 -5.17 18.79
C GLU A 252 3.74 -5.12 19.26
N ASN A 253 2.82 -5.69 18.44
CA ASN A 253 1.38 -5.78 18.71
C ASN A 253 0.72 -4.43 18.94
N ALA A 254 1.12 -3.43 18.15
CA ALA A 254 0.58 -2.09 18.29
C ALA A 254 0.69 -1.26 17.01
N ILE A 255 -0.35 -0.47 16.74
CA ILE A 255 -0.37 0.53 15.70
C ILE A 255 -0.28 1.82 16.48
N VAL A 256 0.73 2.63 16.19
CA VAL A 256 0.90 3.91 16.87
C VAL A 256 0.34 5.02 15.99
N CYS A 257 -0.45 5.92 16.58
CA CYS A 257 -0.92 7.11 15.90
C CYS A 257 -0.07 8.27 16.41
N TRP A 258 0.67 8.89 15.51
CA TRP A 258 1.59 9.95 15.91
C TRP A 258 1.68 11.06 14.87
N LYS A 259 2.43 12.10 15.20
CA LYS A 259 2.73 13.20 14.30
C LYS A 259 4.13 13.75 14.55
N PRO A 260 4.82 14.24 13.49
CA PRO A 260 6.12 14.90 13.71
C PRO A 260 5.94 16.20 14.51
N GLY A 261 6.97 16.59 15.24
CA GLY A 261 6.98 17.82 16.03
C GLY A 261 6.16 17.77 17.30
N LYS A 262 5.98 18.93 17.94
CA LYS A 262 5.17 19.06 19.16
C LYS A 262 3.68 19.07 18.78
N MET A 263 2.79 18.94 19.77
CA MET A 263 1.33 18.89 19.62
C MET A 263 0.75 19.94 18.66
N GLU A 264 1.13 21.21 18.81
CA GLU A 264 0.62 22.32 18.00
C GLU A 264 1.38 22.56 16.67
N ASP A 265 2.49 21.84 16.41
CA ASP A 265 3.28 22.06 15.18
C ASP A 265 2.53 21.63 13.89
N ASP A 266 2.43 22.56 12.92
CA ASP A 266 1.82 22.26 11.63
C ASP A 266 2.82 21.41 10.85
N ILE A 267 2.33 20.32 10.22
CA ILE A 267 3.15 19.39 9.41
C ILE A 267 3.91 20.12 8.29
N ASP A 268 3.33 21.21 7.77
CA ASP A 268 3.97 21.92 6.68
C ASP A 268 4.97 22.97 7.15
N LYS A 269 5.11 23.19 8.47
CA LYS A 269 6.12 24.10 9.01
C LYS A 269 7.30 23.29 9.59
N ILE A 270 7.15 21.94 9.66
CA ILE A 270 8.15 21.00 10.18
C ILE A 270 9.45 21.12 9.34
N LYS A 271 10.60 21.26 10.00
CA LYS A 271 11.89 21.39 9.31
C LYS A 271 12.64 20.03 9.35
N PRO A 272 13.61 19.75 8.45
CA PRO A 272 14.32 18.44 8.49
C PRO A 272 15.07 18.12 9.78
N SER A 273 15.47 19.15 10.53
CA SER A 273 16.20 18.99 11.78
C SER A 273 15.27 18.61 12.96
N GLU A 274 13.91 18.74 12.80
CA GLU A 274 12.90 18.41 13.83
C GLU A 274 13.25 17.13 14.60
N SER A 275 13.39 17.27 15.94
CA SER A 275 13.77 16.17 16.84
C SER A 275 12.61 15.56 17.62
N ASN A 276 11.47 16.26 17.67
CA ASN A 276 10.30 15.79 18.43
C ASN A 276 9.26 15.08 17.60
N VAL A 277 8.50 14.21 18.28
CA VAL A 277 7.32 13.50 17.79
C VAL A 277 6.28 13.55 18.92
N THR A 278 5.00 13.49 18.58
CA THR A 278 3.89 13.48 19.52
C THR A 278 3.07 12.23 19.27
N ILE A 279 2.82 11.44 20.31
CA ILE A 279 1.99 10.23 20.21
C ILE A 279 0.56 10.58 20.63
N LEU A 280 -0.40 10.37 19.72
CA LEU A 280 -1.82 10.67 19.90
C LEU A 280 -2.62 9.47 20.35
N GLY A 281 -1.99 8.31 20.39
CA GLY A 281 -2.64 7.10 20.83
C GLY A 281 -1.94 5.87 20.28
N ARG A 282 -2.35 4.71 20.77
CA ARG A 282 -1.81 3.44 20.34
C ARG A 282 -2.92 2.40 20.38
N PHE A 283 -3.07 1.63 19.32
CA PHE A 283 -4.06 0.58 19.24
C PHE A 283 -3.37 -0.76 19.48
N ASP A 284 -3.51 -1.32 20.68
CA ASP A 284 -2.92 -2.62 21.00
C ASP A 284 -3.83 -3.75 20.54
N TYR A 285 -3.24 -4.91 20.26
CA TYR A 285 -3.92 -6.14 19.80
C TYR A 285 -3.02 -7.32 20.22
N SER A 286 -3.37 -8.55 19.83
CA SER A 286 -2.57 -9.70 20.24
C SER A 286 -2.14 -10.60 19.09
N GLN A 287 -1.09 -11.41 19.34
CA GLN A 287 -0.58 -12.43 18.42
C GLN A 287 -0.37 -11.95 16.98
N CYS A 288 0.38 -10.85 16.82
CA CYS A 288 0.72 -10.25 15.51
C CYS A 288 2.11 -9.65 15.65
N ASP A 289 3.05 -10.50 16.13
CA ASP A 289 4.45 -10.14 16.38
C ASP A 289 5.42 -10.77 15.34
N ILE A 290 4.92 -11.11 14.15
CA ILE A 290 5.72 -11.60 13.02
C ILE A 290 5.84 -10.47 12.00
N TRP A 291 6.91 -10.48 11.20
CA TRP A 291 7.13 -9.45 10.18
C TRP A 291 6.22 -9.72 9.00
N TYR A 292 5.83 -8.65 8.26
CA TYR A 292 5.03 -8.67 7.02
C TYR A 292 3.55 -8.88 7.27
N MET A 293 2.90 -7.93 7.97
CA MET A 293 1.46 -7.92 8.27
C MET A 293 1.00 -6.50 8.00
N ARG A 294 -0.03 -6.33 7.14
CA ARG A 294 -0.52 -5.00 6.78
CA ARG A 294 -0.54 -5.01 6.76
C ARG A 294 -1.88 -4.65 7.36
N PHE A 295 -2.03 -3.39 7.75
CA PHE A 295 -3.30 -2.88 8.20
C PHE A 295 -3.85 -2.06 7.00
N SER A 296 -5.14 -1.77 7.00
CA SER A 296 -5.79 -1.03 5.91
C SER A 296 -6.87 -0.13 6.48
N THR A 297 -7.19 0.93 5.76
CA THR A 297 -8.33 1.80 6.09
C THR A 297 -9.26 1.76 4.89
N ASP A 298 -10.53 2.13 5.08
CA ASP A 298 -11.50 2.20 4.00
C ASP A 298 -11.30 3.53 3.31
N PHE A 299 -12.05 3.78 2.24
CA PHE A 299 -11.93 5.00 1.43
C PHE A 299 -12.08 6.27 2.28
N TRP A 300 -13.12 6.33 3.12
CA TRP A 300 -13.38 7.52 3.94
C TRP A 300 -12.57 7.60 5.22
N GLN A 301 -11.75 6.56 5.53
CA GLN A 301 -10.93 6.52 6.77
C GLN A 301 -11.80 6.60 8.02
N LYS A 302 -12.93 5.90 7.98
CA LYS A 302 -13.84 5.78 9.11
C LYS A 302 -13.46 4.51 9.89
N MET A 303 -12.78 3.56 9.22
CA MET A 303 -12.41 2.27 9.80
C MET A 303 -11.00 1.89 9.49
N LEU A 304 -10.39 1.08 10.38
CA LEU A 304 -9.03 0.56 10.27
C LEU A 304 -9.10 -0.95 10.53
N ALA A 305 -8.39 -1.77 9.73
CA ALA A 305 -8.43 -3.23 9.88
C ALA A 305 -7.08 -3.83 9.83
N LEU A 306 -6.88 -4.87 10.64
CA LEU A 306 -5.65 -5.65 10.70
C LEU A 306 -5.96 -7.05 11.16
N GLY A 307 -5.34 -8.03 10.52
CA GLY A 307 -5.46 -9.42 10.93
C GLY A 307 -4.23 -9.83 11.72
N ASN A 308 -4.32 -10.93 12.49
CA ASN A 308 -3.18 -11.40 13.28
C ASN A 308 -2.71 -12.81 12.80
N GLN A 309 -1.65 -13.38 13.43
CA GLN A 309 -1.06 -14.70 13.09
C GLN A 309 -2.00 -15.88 13.21
N VAL A 310 -3.10 -15.75 13.97
CA VAL A 310 -3.99 -16.91 14.22
C VAL A 310 -5.42 -16.74 13.63
N GLY A 311 -5.56 -15.91 12.61
CA GLY A 311 -6.85 -15.73 11.94
C GLY A 311 -7.86 -14.81 12.60
N LYS A 312 -7.43 -13.97 13.55
CA LYS A 312 -8.37 -13.00 14.14
C LYS A 312 -8.27 -11.63 13.43
N LEU A 313 -9.40 -10.97 13.19
CA LEU A 313 -9.47 -9.65 12.56
C LEU A 313 -9.81 -8.62 13.59
N TYR A 314 -9.14 -7.47 13.55
CA TYR A 314 -9.43 -6.33 14.45
C TYR A 314 -9.90 -5.17 13.57
N VAL A 315 -10.98 -4.47 13.98
CA VAL A 315 -11.52 -3.35 13.23
C VAL A 315 -11.77 -2.22 14.19
N TRP A 316 -11.11 -1.08 13.96
CA TRP A 316 -11.30 0.08 14.79
C TRP A 316 -12.16 1.09 14.05
N ASP A 317 -13.13 1.68 14.77
CA ASP A 317 -14.01 2.73 14.30
C ASP A 317 -13.26 4.04 14.61
N LEU A 318 -12.88 4.76 13.56
CA LEU A 318 -12.09 6.00 13.64
C LEU A 318 -12.95 7.28 13.63
N GLU A 319 -14.28 7.15 13.47
CA GLU A 319 -15.24 8.27 13.52
C GLU A 319 -15.42 8.77 14.97
N VAL A 320 -14.32 9.24 15.57
CA VAL A 320 -14.27 9.72 16.95
C VAL A 320 -13.50 11.04 16.95
N GLU A 321 -13.72 11.90 17.94
CA GLU A 321 -13.08 13.23 18.06
C GLU A 321 -11.55 13.22 18.13
N ASP A 322 -10.94 12.20 18.75
CA ASP A 322 -9.48 12.07 18.90
C ASP A 322 -9.11 10.61 18.61
N PRO A 323 -7.94 10.35 17.98
CA PRO A 323 -7.58 8.96 17.63
C PRO A 323 -7.62 7.93 18.76
N HIS A 324 -7.16 8.30 19.98
CA HIS A 324 -7.14 7.40 21.14
C HIS A 324 -8.56 6.94 21.61
N LYS A 325 -9.63 7.55 21.07
CA LYS A 325 -11.01 7.19 21.43
C LYS A 325 -11.58 6.14 20.50
N ALA A 326 -10.77 5.62 19.53
CA ALA A 326 -11.23 4.63 18.54
C ALA A 326 -11.83 3.42 19.25
N LYS A 327 -12.90 2.87 18.69
CA LYS A 327 -13.65 1.74 19.25
C LYS A 327 -13.30 0.47 18.49
N CYS A 328 -12.92 -0.56 19.20
CA CYS A 328 -12.53 -1.79 18.56
C CYS A 328 -13.63 -2.85 18.53
N THR A 329 -13.67 -3.60 17.44
CA THR A 329 -14.56 -4.73 17.16
C THR A 329 -13.59 -5.84 16.72
N THR A 330 -13.83 -7.10 17.12
CA THR A 330 -13.01 -8.25 16.75
C THR A 330 -13.87 -9.22 15.97
N LEU A 331 -13.30 -9.82 14.93
CA LEU A 331 -14.00 -10.73 14.03
C LEU A 331 -13.29 -12.04 14.00
N THR A 332 -14.01 -13.11 14.40
CA THR A 332 -13.44 -14.47 14.43
C THR A 332 -14.37 -15.48 13.77
N HIS A 333 -13.78 -16.55 13.29
CA HIS A 333 -14.46 -17.69 12.68
C HIS A 333 -13.63 -18.91 13.02
N HIS A 334 -14.28 -19.97 13.53
CA HIS A 334 -13.63 -21.23 13.94
C HIS A 334 -12.82 -21.93 12.83
N LYS A 335 -13.11 -21.65 11.53
CA LYS A 335 -12.36 -22.27 10.43
C LYS A 335 -11.19 -21.41 9.91
N CYS A 336 -11.10 -20.14 10.38
CA CYS A 336 -10.05 -19.19 10.00
C CYS A 336 -8.93 -19.14 11.06
N GLY A 337 -7.87 -19.89 10.84
CA GLY A 337 -6.78 -19.99 11.79
C GLY A 337 -5.40 -19.62 11.28
N ALA A 338 -5.30 -19.29 10.00
CA ALA A 338 -4.01 -18.91 9.41
C ALA A 338 -3.76 -17.40 9.55
N ALA A 339 -2.49 -17.00 9.41
CA ALA A 339 -2.06 -15.60 9.52
C ALA A 339 -2.73 -14.73 8.43
N ILE A 340 -3.41 -13.64 8.83
CA ILE A 340 -4.05 -12.74 7.86
C ILE A 340 -2.99 -11.70 7.47
N ARG A 341 -2.51 -11.73 6.23
CA ARG A 341 -1.42 -10.85 5.75
C ARG A 341 -1.88 -9.48 5.37
N GLN A 342 -3.09 -9.35 4.82
CA GLN A 342 -3.67 -8.08 4.39
C GLN A 342 -5.17 -8.19 4.36
N THR A 343 -5.82 -7.04 4.50
CA THR A 343 -7.25 -6.84 4.40
C THR A 343 -7.52 -5.71 3.38
N SER A 344 -8.75 -5.63 2.89
CA SER A 344 -9.18 -4.58 1.97
C SER A 344 -10.67 -4.41 2.10
N PHE A 345 -11.09 -3.15 2.17
CA PHE A 345 -12.47 -2.75 2.23
C PHE A 345 -12.90 -2.33 0.85
N SER A 346 -14.15 -2.60 0.50
CA SER A 346 -14.69 -2.08 -0.76
C SER A 346 -14.83 -0.55 -0.55
N ARG A 347 -15.00 0.22 -1.62
CA ARG A 347 -15.12 1.68 -1.53
C ARG A 347 -16.26 2.15 -0.58
N ASP A 348 -17.43 1.49 -0.60
CA ASP A 348 -18.58 1.81 0.27
C ASP A 348 -18.45 1.20 1.69
N SER A 349 -17.33 0.47 1.94
CA SER A 349 -17.01 -0.21 3.19
C SER A 349 -18.04 -1.31 3.58
N SER A 350 -18.87 -1.74 2.60
CA SER A 350 -19.87 -2.77 2.85
C SER A 350 -19.27 -4.19 2.87
N ILE A 351 -18.05 -4.36 2.30
CA ILE A 351 -17.35 -5.64 2.25
C ILE A 351 -15.93 -5.49 2.77
N LEU A 352 -15.49 -6.48 3.54
CA LEU A 352 -14.13 -6.58 4.04
C LEU A 352 -13.58 -7.94 3.67
N ILE A 353 -12.50 -7.94 2.87
CA ILE A 353 -11.82 -9.18 2.45
C ILE A 353 -10.51 -9.32 3.21
N ALA A 354 -10.24 -10.51 3.79
CA ALA A 354 -8.98 -10.84 4.49
C ALA A 354 -8.29 -12.00 3.75
N VAL A 355 -6.96 -11.94 3.54
CA VAL A 355 -6.23 -13.02 2.83
C VAL A 355 -5.17 -13.63 3.74
N CYS A 356 -4.95 -14.95 3.63
CA CYS A 356 -4.19 -15.72 4.60
C CYS A 356 -2.99 -16.49 4.07
N ASP A 357 -2.15 -16.98 5.02
CA ASP A 357 -0.95 -17.77 4.80
C ASP A 357 -1.22 -19.15 4.17
N ASP A 358 -2.46 -19.63 4.25
CA ASP A 358 -2.86 -20.93 3.70
C ASP A 358 -3.61 -20.77 2.37
N ALA A 359 -3.47 -19.59 1.71
CA ALA A 359 -4.11 -19.26 0.42
C ALA A 359 -5.61 -19.06 0.50
N SER A 360 -6.16 -18.92 1.71
CA SER A 360 -7.59 -18.71 1.89
C SER A 360 -7.98 -17.21 1.86
N ILE A 361 -9.21 -16.95 1.41
CA ILE A 361 -9.85 -15.65 1.25
C ILE A 361 -11.13 -15.68 2.04
N TRP A 362 -11.33 -14.68 2.92
CA TRP A 362 -12.49 -14.56 3.79
C TRP A 362 -13.24 -13.29 3.49
N ARG A 363 -14.55 -13.41 3.28
CA ARG A 363 -15.43 -12.28 2.97
C ARG A 363 -16.33 -11.97 4.14
N TRP A 364 -16.27 -10.73 4.64
CA TRP A 364 -17.07 -10.24 5.76
C TRP A 364 -17.94 -9.09 5.24
N ASP A 365 -19.27 -9.20 5.34
CA ASP A 365 -20.20 -8.18 4.84
C ASP A 365 -20.76 -7.38 6.01
N ARG A 366 -20.83 -6.04 5.84
CA ARG A 366 -21.27 -5.11 6.88
C ARG A 366 -22.75 -5.22 7.27
N1 Q3D B . 5.79 -9.91 2.12
C2 Q3D B . 4.09 -5.86 5.04
C3 Q3D B . 3.44 -6.88 4.38
C5 Q3D B . 2.96 -8.49 2.72
O2 Q3D B . 10.32 -13.23 3.86
S Q3D B . 10.79 -12.74 2.60
O1 Q3D B . 12.11 -12.21 2.55
C23 Q3D B . 10.65 -14.00 1.41
C22 Q3D B . 9.66 -11.45 2.06
C20 Q3D B . 8.29 -11.21 2.16
C11 Q3D B . 7.10 -11.86 2.67
C12 Q3D B . 7.16 -13.23 3.23
C19 Q3D B . 7.55 -14.30 2.43
N2 Q3D B . 7.48 -15.58 2.84
C15 Q3D B . 6.99 -15.85 4.05
C16 Q3D B . 6.65 -17.31 4.22
C18 Q3D B . 5.33 -17.65 4.88
C17 Q3D B . 6.60 -17.90 5.61
C14 Q3D B . 6.63 -14.84 4.94
C13 Q3D B . 6.72 -13.53 4.53
C10 Q3D B . 5.90 -11.18 2.63
N4 Q3D B . 10.28 -10.35 1.50
C21 Q3D B . 9.36 -9.46 1.27
N3 Q3D B . 8.13 -9.91 1.66
C9 Q3D B . 6.87 -9.28 1.66
N Q3D B . 6.73 -8.00 1.22
C8 Q3D B . 5.46 -7.29 1.18
C7 Q3D B . 5.04 -6.83 2.55
C Q3D B . 5.66 -5.80 3.24
F Q3D B . 6.76 -5.26 2.69
C4 Q3D B . 3.88 -7.39 3.16
C6 Q3D B . 1.94 -8.54 3.83
O Q3D B . 2.30 -7.53 4.81
C1 Q3D B . 5.22 -5.31 4.46
H1 Q3D B . 3.72 -5.49 5.99
H3 Q3D B . 2.52 -8.25 1.75
H2 Q3D B . 3.43 -9.46 2.59
H20 Q3D B . 11.58 -14.28 0.93
H19 Q3D B . 9.98 -13.77 0.58
H21 Q3D B . 10.26 -14.95 1.81
H17 Q3D B . 7.88 -14.15 1.42
H12 Q3D B . 7.02 -17.91 3.39
H15 Q3D B . 4.65 -16.85 5.17
H16 Q3D B . 4.73 -18.48 4.50
H13 Q3D B . 6.94 -18.92 5.79
H14 Q3D B . 6.87 -17.29 6.47
H11 Q3D B . 6.28 -15.08 5.95
H10 Q3D B . 6.44 -12.72 5.20
H9 Q3D B . 4.98 -11.55 3.07
H18 Q3D B . 9.59 -8.50 0.80
H8 Q3D B . 7.54 -7.46 0.90
H6 Q3D B . 4.72 -7.93 0.71
H7 Q3D B . 5.52 -6.41 0.56
H4 Q3D B . 1.91 -9.49 4.37
H5 Q3D B . 0.91 -8.32 3.53
H Q3D B . 5.78 -4.52 4.95
N1 Q3D C . 1.98 17.24 -10.16
C2 Q3D C . -0.83 17.49 -5.85
C3 Q3D C . 0.54 17.29 -5.99
C5 Q3D C . 2.57 16.44 -6.81
O2 Q3D C . 1.40 18.05 -16.70
S Q3D C . 1.49 18.94 -15.59
O1 Q3D C . 2.73 19.62 -15.35
C23 Q3D C . 0.23 20.16 -15.74
C22 Q3D C . 1.03 18.04 -14.12
C20 Q3D C . 1.43 18.05 -12.80
C11 Q3D C . 2.27 18.84 -11.91
C12 Q3D C . 2.69 20.20 -12.29
C19 Q3D C . 3.98 20.66 -12.08
N2 Q3D C . 4.40 21.91 -12.35
C15 Q3D C . 3.49 22.78 -12.82
C16 Q3D C . 3.93 24.20 -13.11
C18 Q3D C . 3.81 24.62 -14.55
C17 Q3D C . 5.14 24.39 -13.97
C14 Q3D C . 2.17 22.42 -13.07
C13 Q3D C . 1.77 21.13 -12.81
C10 Q3D C . 2.54 18.37 -10.65
N4 Q3D C . 0.16 16.97 -14.36
C21 Q3D C . 0.07 16.33 -13.22
N3 Q3D C . 0.83 16.91 -12.25
C9 Q3D C . 1.13 16.54 -10.90
N Q3D C . 0.53 15.46 -10.37
C8 Q3D C . 0.81 15.02 -9.01
C7 Q3D C . 0.24 15.94 -7.97
C Q3D C . -1.13 16.20 -7.84
F Q3D C . -1.94 15.72 -8.80
C4 Q3D C . 1.07 16.52 -7.00
C6 Q3D C . 2.80 17.35 -5.65
O Q3D C . 1.52 17.81 -5.17
C1 Q3D C . -1.67 16.93 -6.81
H1 Q3D C . -1.23 18.05 -5.02
H3 Q3D C . 2.85 15.40 -6.61
H2 Q3D C . 3.13 16.73 -7.69
H20 Q3D C . 0.52 21.17 -15.49
H19 Q3D C . -0.65 19.99 -15.13
H21 Q3D C . -0.17 20.24 -16.76
H17 Q3D C . 4.72 20.00 -11.63
H12 Q3D C . 3.68 24.88 -12.30
H15 Q3D C . 3.39 23.93 -15.28
H16 Q3D C . 3.48 25.62 -14.80
H13 Q3D C . 5.82 25.21 -13.78
H14 Q3D C . 5.74 23.51 -14.24
H11 Q3D C . 1.47 23.14 -13.47
H10 Q3D C . 0.74 20.83 -12.99
H9 Q3D C . 3.22 18.88 -9.96
H18 Q3D C . -0.59 15.47 -13.08
H8 Q3D C . -0.16 14.92 -10.88
H6 Q3D C . 1.89 14.90 -8.90
H7 Q3D C . 0.41 14.03 -8.81
H4 Q3D C . 3.39 18.24 -5.88
H5 Q3D C . 3.28 16.87 -4.79
H Q3D C . -2.75 17.07 -6.74
C1 GOL D . 13.83 -1.51 -7.02
O1 GOL D . 15.04 -1.68 -7.85
C2 GOL D . 12.60 -1.12 -7.81
O2 GOL D . 13.01 -0.88 -9.16
C3 GOL D . 11.62 -0.04 -7.41
O3 GOL D . 11.90 0.68 -6.16
H11 GOL D . 14.03 -0.81 -6.23
H12 GOL D . 13.62 -2.46 -6.52
HO1 GOL D . 15.77 -1.22 -7.37
H2 GOL D . 12.04 -2.04 -7.99
HO2 GOL D . 12.21 -0.99 -9.75
H31 GOL D . 10.63 -0.49 -7.33
H32 GOL D . 11.51 0.68 -8.22
HO3 GOL D . 11.11 0.54 -5.58
#